data_5A1I
#
_entry.id   5A1I
#
_cell.length_a   67.972
_cell.length_b   94.074
_cell.length_c   117.216
_cell.angle_alpha   90.00
_cell.angle_beta   90.00
_cell.angle_gamma   90.00
#
_symmetry.space_group_name_H-M   'I 2 2 2'
#
loop_
_entity.id
_entity.type
_entity.pdbx_description
1 polymer 'S-ADENOSYLMETHIONINE SYNTHASE ISOFORM TYPE-2'
2 non-polymer METHIONINE
3 non-polymer '(DIPHOSPHONO)AMINOPHOSPHONIC ACID'
4 non-polymer 'MAGNESIUM ION'
5 non-polymer 'POTASSIUM ION'
6 non-polymer S-ADENOSYLMETHIONINE
7 non-polymer ADENOSINE
8 non-polymer DI(HYDROXYETHYL)ETHER
9 non-polymer 1,2-ETHANEDIOL
10 non-polymer 'TETRAETHYLENE GLYCOL'
11 water water
#
_entity_poly.entity_id   1
_entity_poly.type   'polypeptide(L)'
_entity_poly.pdbx_seq_one_letter_code
;MNGQLNGFHEAFIEEGTFLFTSESVGEGHPDKICDQISDAVLDAHLQQDPDAKVACETVAKTGMILLAGEITSRAAVDYQ
KVVREAVKHIGYDDSSKGFDYKTCNVLVALEQQSPDIAQGVHLDRNEEDIGAGDQGLMFGYATDETEECMPLTIVLAHKL
NAKLAELRRNGTLPWLRPDSKTQVTVQYMQDRGAVLPIRVHTIVISVQHDEEVCLDEMRDALKEKVIKAVVPAKYLDEDT
IYHLQPSGRFVIGGPQGDAGLTGRKIIVDTYGGWGAHGGGAFSGKDYTKVDRSAAYAARWVAKSLVKGGLCRRVLVQVSY
AIGVSHPLSISIFHYGTSQKSERELLEIVKKNFDLRPGVIVRDLDLKKPIYQRTAAYGHFGRDSFPWEVPKKLKY
;
_entity_poly.pdbx_strand_id   A
#
# COMPACT_ATOMS: atom_id res chain seq x y z
N GLU A 15 12.95 -10.56 29.17
CA GLU A 15 11.70 -11.37 29.39
C GLU A 15 10.48 -10.61 28.85
N GLY A 16 9.63 -11.29 28.09
CA GLY A 16 8.43 -10.68 27.50
C GLY A 16 8.68 -9.99 26.15
N THR A 17 9.92 -10.04 25.68
CA THR A 17 10.24 -9.34 24.45
C THR A 17 10.22 -10.30 23.27
N PHE A 18 10.01 -9.73 22.10
CA PHE A 18 10.02 -10.49 20.86
C PHE A 18 10.49 -9.59 19.73
N LEU A 19 10.88 -10.23 18.64
CA LEU A 19 11.24 -9.54 17.41
C LEU A 19 10.08 -9.55 16.43
N PHE A 20 9.99 -8.50 15.62
CA PHE A 20 9.07 -8.52 14.49
C PHE A 20 9.73 -7.79 13.36
N THR A 21 9.57 -8.31 12.14
CA THR A 21 10.19 -7.73 10.94
C THR A 21 9.14 -7.34 9.92
N SER A 22 9.35 -6.18 9.30
CA SER A 22 8.56 -5.76 8.14
C SER A 22 9.49 -5.21 7.06
N GLU A 23 9.02 -5.21 5.82
CA GLU A 23 9.79 -4.65 4.69
C GLU A 23 8.98 -3.59 3.98
N SER A 24 9.71 -2.82 3.15
CA SER A 24 9.10 -1.92 2.20
C SER A 24 9.96 -1.92 0.95
N VAL A 25 9.39 -1.37 -0.14
CA VAL A 25 10.16 -1.22 -1.38
C VAL A 25 9.99 0.17 -1.91
N GLY A 26 10.92 0.59 -2.76
CA GLY A 26 10.87 1.91 -3.37
C GLY A 26 9.98 2.00 -4.59
N GLU A 27 9.88 3.24 -5.06
CA GLU A 27 9.02 3.53 -6.21
C GLU A 27 9.45 2.81 -7.48
N GLY A 28 10.75 2.53 -7.59
CA GLY A 28 11.26 1.83 -8.76
C GLY A 28 11.43 0.34 -8.62
N HIS A 29 11.00 -0.24 -7.51
CA HIS A 29 10.94 -1.67 -7.43
C HIS A 29 9.96 -2.12 -8.51
N PRO A 30 10.26 -3.21 -9.26
CA PRO A 30 9.40 -3.52 -10.42
C PRO A 30 7.94 -3.81 -10.10
N ASP A 31 7.67 -4.47 -8.99
CA ASP A 31 6.29 -4.66 -8.61
C ASP A 31 5.57 -3.35 -8.31
N LYS A 32 6.28 -2.46 -7.59
CA LYS A 32 5.71 -1.16 -7.29
C LYS A 32 5.55 -0.31 -8.53
N ILE A 33 6.42 -0.44 -9.51
CA ILE A 33 6.23 0.25 -10.79
C ILE A 33 4.85 -0.13 -11.33
N CYS A 34 4.58 -1.43 -11.33
CA CYS A 34 3.31 -1.92 -11.83
C CYS A 34 2.11 -1.38 -11.05
N ASP A 35 2.19 -1.38 -9.74
CA ASP A 35 1.12 -0.81 -8.95
C ASP A 35 0.85 0.66 -9.30
N GLN A 36 1.93 1.43 -9.43
CA GLN A 36 1.81 2.83 -9.77
C GLN A 36 1.21 3.04 -11.17
N ILE A 37 1.63 2.24 -12.14
CA ILE A 37 1.07 2.34 -13.47
C ILE A 37 -0.40 1.98 -13.49
N SER A 38 -0.73 0.86 -12.81
CA SER A 38 -2.14 0.48 -12.74
C SER A 38 -3.01 1.59 -12.17
N ASP A 39 -2.51 2.24 -11.11
CA ASP A 39 -3.27 3.34 -10.52
C ASP A 39 -3.21 4.62 -11.32
N ALA A 40 -2.17 4.84 -12.09
CA ALA A 40 -2.15 5.96 -13.05
C ALA A 40 -3.25 5.77 -14.10
N VAL A 41 -3.42 4.53 -14.55
CA VAL A 41 -4.48 4.21 -15.51
C VAL A 41 -5.84 4.41 -14.90
N LEU A 42 -6.02 3.89 -13.67
CA LEU A 42 -7.28 4.13 -12.96
C LEU A 42 -7.59 5.62 -12.84
N ASP A 43 -6.62 6.40 -12.37
CA ASP A 43 -6.84 7.84 -12.19
C ASP A 43 -7.16 8.49 -13.52
N ALA A 44 -6.49 8.12 -14.60
CA ALA A 44 -6.76 8.71 -15.91
C ALA A 44 -8.21 8.47 -16.32
N HIS A 45 -8.71 7.27 -16.08
CA HIS A 45 -10.12 7.01 -16.35
C HIS A 45 -11.06 7.82 -15.46
N LEU A 46 -10.77 7.85 -14.15
CA LEU A 46 -11.64 8.55 -13.21
C LEU A 46 -11.70 10.05 -13.44
N GLN A 47 -10.64 10.62 -13.99
CA GLN A 47 -10.64 12.04 -14.30
C GLN A 47 -11.70 12.40 -15.31
N GLN A 48 -12.02 11.47 -16.20
CA GLN A 48 -13.07 11.67 -17.20
C GLN A 48 -14.39 11.02 -16.90
N ASP A 49 -14.36 9.88 -16.25
CA ASP A 49 -15.57 9.08 -16.00
C ASP A 49 -15.49 8.57 -14.58
N PRO A 50 -16.14 9.25 -13.64
CA PRO A 50 -16.10 8.81 -12.24
C PRO A 50 -16.63 7.44 -11.98
N ASP A 51 -17.46 6.93 -12.90
CA ASP A 51 -18.01 5.58 -12.80
C ASP A 51 -17.34 4.55 -13.65
N ALA A 52 -16.11 4.83 -14.07
CA ALA A 52 -15.34 3.84 -14.82
C ALA A 52 -15.19 2.54 -14.01
N LYS A 53 -15.32 1.43 -14.73
CA LYS A 53 -15.06 0.10 -14.17
CA LYS A 53 -15.08 0.09 -14.19
C LYS A 53 -13.68 -0.30 -14.65
N VAL A 54 -12.75 -0.43 -13.71
CA VAL A 54 -11.34 -0.62 -14.04
C VAL A 54 -10.78 -1.78 -13.28
N ALA A 55 -10.09 -2.66 -14.00
CA ALA A 55 -9.38 -3.83 -13.45
C ALA A 55 -8.11 -3.97 -14.25
N CYS A 56 -7.15 -3.08 -14.03
N CYS A 56 -7.19 -3.04 -14.00
CA CYS A 56 -5.95 -2.98 -14.89
CA CYS A 56 -5.91 -2.98 -14.68
C CYS A 56 -4.75 -3.57 -14.22
C CYS A 56 -4.93 -3.86 -13.95
N GLU A 57 -4.27 -4.72 -14.70
CA GLU A 57 -3.04 -5.34 -14.26
C GLU A 57 -1.90 -4.84 -15.14
N THR A 58 -0.76 -4.63 -14.54
CA THR A 58 0.46 -4.25 -15.26
C THR A 58 1.53 -5.30 -15.03
N VAL A 59 2.32 -5.58 -16.08
CA VAL A 59 3.46 -6.46 -16.00
C VAL A 59 4.65 -5.68 -16.54
N ALA A 60 5.79 -5.82 -15.90
CA ALA A 60 7.01 -5.14 -16.31
C ALA A 60 8.16 -6.13 -16.38
N LYS A 61 8.89 -6.08 -17.50
CA LYS A 61 10.12 -6.83 -17.64
C LYS A 61 11.01 -5.97 -18.53
N THR A 62 12.25 -6.36 -18.77
CA THR A 62 13.19 -5.56 -19.57
C THR A 62 12.48 -4.93 -20.76
N GLY A 63 12.48 -3.61 -20.82
CA GLY A 63 11.95 -2.93 -21.97
C GLY A 63 10.48 -2.94 -22.18
N MET A 64 9.69 -3.49 -21.24
CA MET A 64 8.28 -3.74 -21.50
C MET A 64 7.41 -3.34 -20.35
N ILE A 65 6.34 -2.62 -20.66
CA ILE A 65 5.16 -2.51 -19.80
C ILE A 65 3.99 -3.09 -20.59
N LEU A 66 3.33 -4.11 -20.03
CA LEU A 66 2.11 -4.67 -20.58
CA LEU A 66 2.10 -4.63 -20.64
C LEU A 66 0.96 -4.36 -19.68
N LEU A 67 -0.13 -3.82 -20.23
CA LEU A 67 -1.39 -3.66 -19.52
C LEU A 67 -2.35 -4.78 -19.93
N ALA A 68 -2.91 -5.47 -18.97
N ALA A 68 -2.86 -5.48 -18.93
CA ALA A 68 -3.86 -6.58 -19.26
CA ALA A 68 -3.81 -6.58 -19.10
C ALA A 68 -4.99 -6.53 -18.25
C ALA A 68 -5.05 -6.21 -18.29
N GLY A 69 -6.21 -6.69 -18.71
CA GLY A 69 -7.35 -6.60 -17.84
C GLY A 69 -8.55 -6.07 -18.53
N GLU A 70 -9.44 -5.47 -17.74
CA GLU A 70 -10.79 -5.15 -18.15
C GLU A 70 -11.18 -3.76 -17.73
N ILE A 71 -11.57 -2.93 -18.68
CA ILE A 71 -11.99 -1.58 -18.42
C ILE A 71 -13.23 -1.29 -19.24
N THR A 72 -14.29 -0.82 -18.58
CA THR A 72 -15.46 -0.27 -19.26
C THR A 72 -15.64 1.15 -18.75
N SER A 73 -15.47 2.11 -19.66
CA SER A 73 -15.38 3.50 -19.31
C SER A 73 -15.77 4.36 -20.47
N ARG A 74 -16.30 5.54 -20.17
CA ARG A 74 -16.56 6.56 -21.17
C ARG A 74 -15.36 7.42 -21.47
N ALA A 75 -14.26 7.25 -20.75
CA ALA A 75 -13.06 8.04 -20.94
C ALA A 75 -12.35 7.63 -22.23
N ALA A 76 -11.59 8.57 -22.77
CA ALA A 76 -10.62 8.28 -23.86
C ALA A 76 -9.24 8.48 -23.26
N VAL A 77 -8.53 7.40 -23.04
CA VAL A 77 -7.25 7.43 -22.34
C VAL A 77 -6.16 7.02 -23.31
N ASP A 78 -5.09 7.81 -23.33
CA ASP A 78 -3.92 7.52 -24.15
C ASP A 78 -2.97 6.71 -23.28
N TYR A 79 -3.06 5.38 -23.38
CA TYR A 79 -2.29 4.51 -22.53
C TYR A 79 -0.80 4.70 -22.67
N GLN A 80 -0.34 4.92 -23.90
CA GLN A 80 1.08 5.19 -24.14
CA GLN A 80 1.08 5.11 -24.12
C GLN A 80 1.56 6.31 -23.28
N LYS A 81 0.86 7.42 -23.35
CA LYS A 81 1.21 8.62 -22.62
CA LYS A 81 1.26 8.60 -22.63
C LYS A 81 1.14 8.45 -21.09
N VAL A 82 0.07 7.82 -20.63
CA VAL A 82 -0.11 7.65 -19.20
C VAL A 82 0.95 6.75 -18.61
N VAL A 83 1.24 5.63 -19.27
CA VAL A 83 2.26 4.73 -18.80
C VAL A 83 3.63 5.43 -18.76
N ARG A 84 3.98 6.09 -19.85
CA ARG A 84 5.30 6.68 -19.93
C ARG A 84 5.48 7.77 -18.91
N GLU A 85 4.44 8.56 -18.66
CA GLU A 85 4.52 9.60 -17.63
C GLU A 85 4.74 9.01 -16.24
N ALA A 86 4.09 7.88 -15.95
CA ALA A 86 4.28 7.26 -14.65
C ALA A 86 5.72 6.79 -14.47
N VAL A 87 6.28 6.19 -15.51
CA VAL A 87 7.67 5.69 -15.46
C VAL A 87 8.64 6.87 -15.34
N LYS A 88 8.39 7.94 -16.06
CA LYS A 88 9.18 9.16 -15.94
C LYS A 88 9.21 9.66 -14.50
N HIS A 89 8.04 9.70 -13.84
N HIS A 89 8.03 9.73 -13.88
CA HIS A 89 7.96 10.19 -12.46
CA HIS A 89 7.91 10.15 -12.51
C HIS A 89 8.83 9.36 -11.52
C HIS A 89 8.80 9.37 -11.54
N ILE A 90 8.80 8.06 -11.73
CA ILE A 90 9.60 7.14 -10.93
C ILE A 90 11.09 7.40 -11.05
N GLY A 91 11.53 7.77 -12.26
CA GLY A 91 12.91 8.13 -12.50
C GLY A 91 13.64 7.27 -13.51
N TYR A 92 12.96 6.35 -14.19
CA TYR A 92 13.60 5.53 -15.21
C TYR A 92 13.54 6.23 -16.54
N ASP A 93 14.62 6.96 -16.83
CA ASP A 93 14.69 7.89 -17.95
C ASP A 93 15.95 7.72 -18.78
N ASP A 94 16.61 6.57 -18.73
CA ASP A 94 17.80 6.40 -19.54
C ASP A 94 18.19 4.95 -19.57
N SER A 95 18.70 4.51 -20.73
CA SER A 95 19.05 3.12 -20.81
CA SER A 95 19.33 3.18 -20.91
C SER A 95 20.21 2.77 -19.82
N SER A 96 21.02 3.73 -19.40
CA SER A 96 22.05 3.45 -18.42
C SER A 96 21.48 2.99 -17.08
N LYS A 97 20.23 3.35 -16.79
CA LYS A 97 19.58 2.96 -15.55
C LYS A 97 18.82 1.64 -15.68
N GLY A 98 18.77 1.09 -16.88
CA GLY A 98 18.14 -0.18 -17.14
C GLY A 98 16.74 -0.06 -17.70
N PHE A 99 16.17 1.12 -17.79
CA PHE A 99 14.80 1.27 -18.24
C PHE A 99 14.63 2.74 -18.57
N ASP A 100 13.86 3.03 -19.61
CA ASP A 100 13.66 4.39 -20.08
CA ASP A 100 13.67 4.40 -20.08
C ASP A 100 12.23 4.56 -20.56
N TYR A 101 11.49 5.47 -19.92
CA TYR A 101 10.13 5.74 -20.32
C TYR A 101 10.01 6.18 -21.76
N LYS A 102 11.05 6.82 -22.29
CA LYS A 102 10.95 7.37 -23.64
C LYS A 102 10.91 6.29 -24.70
N THR A 103 11.59 5.17 -24.42
CA THR A 103 11.93 4.20 -25.45
C THR A 103 11.49 2.79 -25.14
N CYS A 104 10.82 2.54 -24.01
CA CYS A 104 10.35 1.21 -23.70
C CYS A 104 9.14 0.86 -24.58
N ASN A 105 8.85 -0.45 -24.64
CA ASN A 105 7.63 -0.96 -25.26
C ASN A 105 6.48 -0.84 -24.31
N VAL A 106 5.37 -0.32 -24.78
N VAL A 106 5.35 -0.35 -24.78
CA VAL A 106 4.09 -0.35 -24.10
CA VAL A 106 4.08 -0.36 -24.06
C VAL A 106 3.15 -1.19 -24.94
C VAL A 106 3.03 -1.10 -24.86
N LEU A 107 2.63 -2.27 -24.36
CA LEU A 107 1.69 -3.21 -25.01
C LEU A 107 0.38 -3.15 -24.24
N VAL A 108 -0.74 -3.17 -24.94
CA VAL A 108 -2.04 -3.07 -24.33
C VAL A 108 -2.94 -4.25 -24.72
N ALA A 109 -3.43 -5.00 -23.72
CA ALA A 109 -4.36 -6.12 -23.88
C ALA A 109 -5.55 -5.89 -22.96
N LEU A 110 -6.21 -4.76 -23.08
N LEU A 110 -6.30 -4.88 -23.28
CA LEU A 110 -7.38 -4.35 -22.24
CA LEU A 110 -7.42 -4.44 -22.48
C LEU A 110 -8.71 -4.48 -22.99
C LEU A 110 -8.69 -4.73 -23.19
N GLU A 111 -9.60 -5.31 -22.47
CA GLU A 111 -10.93 -5.58 -23.01
C GLU A 111 -11.97 -4.91 -22.14
N GLN A 112 -13.23 -4.99 -22.53
CA GLN A 112 -14.32 -4.52 -21.68
C GLN A 112 -14.50 -5.43 -20.46
N GLN A 113 -15.11 -4.89 -19.40
CA GLN A 113 -15.56 -5.74 -18.33
C GLN A 113 -16.53 -6.79 -18.86
N SER A 114 -16.41 -8.02 -18.36
CA SER A 114 -17.34 -9.08 -18.73
C SER A 114 -18.78 -8.59 -18.52
N PRO A 115 -19.66 -8.76 -19.51
CA PRO A 115 -21.04 -8.41 -19.29
CA PRO A 115 -21.06 -8.44 -19.32
C PRO A 115 -21.70 -9.26 -18.23
N ASP A 116 -21.21 -10.48 -18.04
CA ASP A 116 -21.77 -11.33 -16.99
C ASP A 116 -21.49 -10.78 -15.61
N ILE A 117 -20.29 -10.24 -15.43
CA ILE A 117 -19.98 -9.55 -14.19
C ILE A 117 -20.86 -8.31 -14.05
N ALA A 118 -20.87 -7.50 -15.09
CA ALA A 118 -21.61 -6.23 -15.00
C ALA A 118 -23.06 -6.46 -14.59
N GLN A 119 -23.74 -7.42 -15.22
CA GLN A 119 -25.14 -7.63 -14.92
C GLN A 119 -25.36 -8.08 -13.51
N GLY A 120 -24.39 -8.81 -12.96
CA GLY A 120 -24.53 -9.35 -11.62
C GLY A 120 -24.13 -8.40 -10.51
N VAL A 121 -23.39 -7.37 -10.85
CA VAL A 121 -22.82 -6.46 -9.87
C VAL A 121 -23.53 -5.11 -9.83
N HIS A 122 -23.63 -4.45 -10.98
CA HIS A 122 -24.01 -3.06 -10.98
C HIS A 122 -25.11 -2.66 -11.97
N LEU A 123 -25.35 -3.37 -13.04
N LEU A 123 -25.37 -3.47 -12.97
CA LEU A 123 -26.29 -2.82 -14.01
CA LEU A 123 -26.41 -3.18 -13.94
C LEU A 123 -27.71 -2.73 -13.44
C LEU A 123 -27.75 -3.09 -13.25
N ASP A 124 -28.32 -1.56 -13.61
N ASP A 124 -28.50 -2.03 -13.59
CA ASP A 124 -29.66 -1.33 -13.13
CA ASP A 124 -29.86 -1.80 -13.10
C ASP A 124 -29.79 -1.33 -11.59
C ASP A 124 -29.99 -1.86 -11.60
N ARG A 125 -28.71 -1.17 -10.83
N ARG A 125 -28.95 -1.36 -10.94
CA ARG A 125 -28.83 -1.19 -9.39
CA ARG A 125 -28.82 -1.23 -9.46
C ARG A 125 -28.65 0.19 -8.89
C ARG A 125 -28.79 0.23 -9.02
N ASN A 126 -29.44 0.53 -7.90
CA ASN A 126 -29.28 1.80 -7.22
C ASN A 126 -27.83 1.85 -6.68
N GLU A 127 -27.20 3.03 -6.73
CA GLU A 127 -25.75 3.03 -6.41
C GLU A 127 -25.48 2.50 -5.01
N GLU A 128 -26.28 2.90 -4.01
N GLU A 128 -26.28 2.92 -4.06
CA GLU A 128 -26.05 2.41 -2.64
CA GLU A 128 -26.10 2.52 -2.71
C GLU A 128 -26.18 0.90 -2.53
C GLU A 128 -26.25 0.98 -2.52
N ASP A 129 -26.96 0.34 -3.45
CA ASP A 129 -27.25 -1.10 -3.45
C ASP A 129 -26.50 -1.90 -4.50
N ILE A 130 -25.42 -1.31 -5.04
CA ILE A 130 -24.56 -2.09 -5.95
CA ILE A 130 -24.55 -2.05 -5.94
C ILE A 130 -24.02 -3.29 -5.20
N GLY A 131 -23.87 -4.39 -5.89
CA GLY A 131 -23.24 -5.55 -5.29
C GLY A 131 -21.77 -5.40 -5.16
N ALA A 132 -21.17 -6.14 -4.25
CA ALA A 132 -19.73 -6.28 -4.26
C ALA A 132 -19.30 -6.75 -5.66
N GLY A 133 -18.15 -6.26 -6.10
CA GLY A 133 -17.64 -6.63 -7.43
C GLY A 133 -17.02 -8.01 -7.51
N ASP A 134 -16.85 -8.65 -6.36
CA ASP A 134 -16.28 -9.96 -6.27
C ASP A 134 -16.58 -10.48 -4.86
N GLN A 135 -16.42 -11.79 -4.67
CA GLN A 135 -16.30 -12.29 -3.31
C GLN A 135 -14.93 -11.93 -2.74
N GLY A 136 -14.75 -12.11 -1.44
CA GLY A 136 -13.46 -12.08 -0.82
C GLY A 136 -13.55 -11.65 0.63
N LEU A 137 -12.38 -11.65 1.24
CA LEU A 137 -12.24 -11.24 2.64
C LEU A 137 -11.18 -10.16 2.71
N MET A 138 -11.31 -9.30 3.71
CA MET A 138 -10.44 -8.13 3.85
C MET A 138 -10.24 -7.86 5.32
N PHE A 139 -9.08 -7.31 5.67
CA PHE A 139 -8.82 -6.93 7.06
C PHE A 139 -8.39 -5.49 7.17
N GLY A 140 -8.75 -4.90 8.29
CA GLY A 140 -8.23 -3.62 8.73
C GLY A 140 -7.50 -3.79 10.04
N TYR A 141 -6.50 -2.95 10.29
CA TYR A 141 -5.70 -3.08 11.52
C TYR A 141 -5.31 -1.67 11.95
N ALA A 142 -5.18 -1.52 13.28
CA ALA A 142 -4.64 -0.28 13.84
C ALA A 142 -3.96 -0.62 15.15
N THR A 143 -2.89 0.12 15.45
CA THR A 143 -2.09 -0.04 16.64
C THR A 143 -1.68 1.32 17.15
N ASP A 144 -1.83 1.53 18.46
CA ASP A 144 -1.49 2.81 19.06
C ASP A 144 0.00 3.03 19.25
N GLU A 145 0.85 2.15 18.74
CA GLU A 145 2.28 2.29 18.96
C GLU A 145 2.88 3.50 18.24
N THR A 146 2.23 4.03 17.22
CA THR A 146 2.62 5.26 16.58
C THR A 146 1.40 6.16 16.48
N GLU A 147 1.63 7.47 16.34
CA GLU A 147 0.52 8.41 16.24
C GLU A 147 -0.40 8.08 15.07
N GLU A 148 0.22 7.65 13.96
CA GLU A 148 -0.57 7.33 12.76
CA GLU A 148 -0.47 7.29 12.72
C GLU A 148 -1.19 5.95 12.80
N CYS A 149 -1.03 5.26 13.91
CA CYS A 149 -1.76 4.03 14.11
CA CYS A 149 -1.69 3.98 14.20
C CYS A 149 -1.24 2.87 13.29
N MET A 150 0.04 2.89 12.98
CA MET A 150 0.70 1.88 12.14
CA MET A 150 0.67 1.85 12.16
C MET A 150 1.84 1.21 12.90
N PRO A 151 2.21 -0.02 12.50
CA PRO A 151 3.37 -0.64 13.13
C PRO A 151 4.65 0.13 12.85
N LEU A 152 5.48 0.29 13.86
CA LEU A 152 6.73 1.01 13.68
C LEU A 152 7.65 0.34 12.66
N THR A 153 7.66 -0.98 12.62
CA THR A 153 8.52 -1.71 11.69
C THR A 153 8.29 -1.23 10.24
N ILE A 154 7.03 -1.19 9.80
N ILE A 154 7.01 -1.20 9.85
CA ILE A 154 6.81 -0.82 8.42
CA ILE A 154 6.62 -0.87 8.49
C ILE A 154 6.91 0.68 8.21
C ILE A 154 6.76 0.63 8.21
N VAL A 155 6.52 1.49 9.20
CA VAL A 155 6.67 2.92 9.06
C VAL A 155 8.14 3.23 8.78
N LEU A 156 9.03 2.70 9.59
CA LEU A 156 10.44 2.94 9.39
C LEU A 156 10.91 2.42 8.03
N ALA A 157 10.47 1.21 7.67
CA ALA A 157 10.88 0.65 6.37
C ALA A 157 10.46 1.58 5.21
N HIS A 158 9.23 2.07 5.24
CA HIS A 158 8.80 3.01 4.22
C HIS A 158 9.65 4.28 4.20
N LYS A 159 9.88 4.82 5.37
CA LYS A 159 10.62 6.08 5.45
C LYS A 159 12.05 5.93 4.92
N LEU A 160 12.66 4.75 5.09
CA LEU A 160 13.98 4.53 4.54
C LEU A 160 13.93 4.60 3.01
N ASN A 161 12.92 3.95 2.39
CA ASN A 161 12.81 4.06 0.94
C ASN A 161 12.53 5.48 0.50
N ALA A 162 11.69 6.20 1.23
CA ALA A 162 11.37 7.58 0.87
C ALA A 162 12.64 8.43 0.95
N LYS A 163 13.47 8.19 1.95
CA LYS A 163 14.72 8.95 2.09
C LYS A 163 15.67 8.67 0.91
N LEU A 164 15.77 7.43 0.49
CA LEU A 164 16.56 7.12 -0.70
C LEU A 164 16.06 7.92 -1.89
N ALA A 165 14.75 7.92 -2.11
CA ALA A 165 14.23 8.65 -3.26
C ALA A 165 14.51 10.15 -3.14
N GLU A 166 14.46 10.68 -1.92
N GLU A 166 14.40 10.70 -1.93
CA GLU A 166 14.71 12.08 -1.71
CA GLU A 166 14.70 12.11 -1.70
C GLU A 166 16.15 12.45 -2.06
C GLU A 166 16.14 12.44 -2.06
N LEU A 167 17.09 11.62 -1.63
CA LEU A 167 18.50 11.87 -1.83
C LEU A 167 18.92 11.61 -3.28
N ARG A 168 18.20 10.73 -3.96
CA ARG A 168 18.37 10.55 -5.38
C ARG A 168 17.90 11.82 -6.11
N ARG A 169 16.69 12.25 -5.82
CA ARG A 169 16.10 13.37 -6.53
C ARG A 169 16.77 14.68 -6.29
N ASN A 170 17.33 14.88 -5.09
CA ASN A 170 18.00 16.16 -4.81
C ASN A 170 19.47 16.15 -5.23
N GLY A 171 19.95 15.05 -5.79
CA GLY A 171 21.31 14.99 -6.30
C GLY A 171 22.39 14.82 -5.28
N THR A 172 22.03 14.61 -4.00
CA THR A 172 23.15 14.42 -3.10
CA THR A 172 22.96 14.33 -2.86
C THR A 172 23.78 13.05 -3.11
N LEU A 173 23.05 12.02 -3.55
CA LEU A 173 23.63 10.69 -3.77
C LEU A 173 23.28 10.32 -5.21
N PRO A 174 24.02 10.86 -6.18
CA PRO A 174 23.58 10.73 -7.57
C PRO A 174 23.78 9.36 -8.16
N TRP A 175 24.50 8.50 -7.46
CA TRP A 175 24.66 7.11 -7.83
C TRP A 175 23.43 6.25 -7.56
N LEU A 176 22.47 6.77 -6.81
CA LEU A 176 21.27 5.99 -6.53
C LEU A 176 20.41 5.86 -7.76
N ARG A 177 19.75 4.70 -7.86
CA ARG A 177 18.72 4.45 -8.88
CA ARG A 177 18.73 4.50 -8.89
CA ARG A 177 18.74 4.47 -8.87
C ARG A 177 17.40 4.20 -8.18
N PRO A 178 16.28 4.09 -8.93
CA PRO A 178 14.96 4.06 -8.28
C PRO A 178 14.57 2.77 -7.57
N ASP A 179 15.17 1.65 -7.90
CA ASP A 179 14.82 0.35 -7.34
C ASP A 179 15.50 0.14 -5.99
N SER A 180 14.72 -0.01 -4.93
CA SER A 180 15.22 -0.21 -3.59
C SER A 180 14.32 -1.10 -2.78
N LYS A 181 14.90 -1.70 -1.76
CA LYS A 181 14.18 -2.49 -0.75
C LYS A 181 14.80 -2.20 0.60
N THR A 182 13.94 -2.22 1.64
CA THR A 182 14.40 -2.05 3.00
C THR A 182 13.69 -3.05 3.89
N GLN A 183 14.25 -3.29 5.06
CA GLN A 183 13.64 -4.24 5.98
C GLN A 183 14.08 -3.87 7.38
N VAL A 184 13.14 -3.82 8.31
CA VAL A 184 13.40 -3.38 9.67
C VAL A 184 12.87 -4.42 10.65
N THR A 185 13.74 -4.85 11.56
CA THR A 185 13.39 -5.75 12.65
C THR A 185 13.45 -4.94 13.95
N VAL A 186 12.34 -4.89 14.67
CA VAL A 186 12.24 -4.18 15.94
C VAL A 186 12.04 -5.21 17.04
N GLN A 187 12.70 -4.94 18.17
N GLN A 187 12.70 -4.97 18.19
CA GLN A 187 12.42 -5.62 19.42
CA GLN A 187 12.46 -5.66 19.46
C GLN A 187 11.33 -4.87 20.17
C GLN A 187 11.37 -4.91 20.21
N TYR A 188 10.29 -5.63 20.53
CA TYR A 188 9.11 -5.14 21.21
C TYR A 188 8.97 -5.77 22.58
N MET A 189 8.26 -5.05 23.44
N MET A 189 8.29 -5.04 23.46
CA MET A 189 7.70 -5.57 24.69
CA MET A 189 7.66 -5.60 24.66
C MET A 189 6.17 -5.59 24.53
C MET A 189 6.18 -5.68 24.40
N GLN A 190 5.50 -6.48 25.20
CA GLN A 190 4.03 -6.44 25.16
C GLN A 190 3.52 -5.91 26.44
N ASP A 191 2.32 -5.35 26.33
CA ASP A 191 1.76 -4.64 27.43
C ASP A 191 0.24 -4.81 27.31
N ARG A 192 -0.28 -5.85 27.93
CA ARG A 192 -1.73 -6.07 28.02
C ARG A 192 -2.38 -6.14 26.61
N GLY A 193 -1.68 -6.81 25.70
CA GLY A 193 -2.10 -6.96 24.33
C GLY A 193 -1.61 -5.91 23.36
N ALA A 194 -1.21 -4.74 23.87
CA ALA A 194 -0.62 -3.73 23.06
C ALA A 194 0.87 -4.05 22.91
N VAL A 195 1.55 -3.40 21.97
CA VAL A 195 2.96 -3.64 21.77
C VAL A 195 3.72 -2.33 21.88
N LEU A 196 4.92 -2.42 22.45
CA LEU A 196 5.76 -1.25 22.74
CA LEU A 196 5.76 -1.24 22.73
C LEU A 196 7.12 -1.46 22.10
N PRO A 197 7.48 -0.65 21.09
CA PRO A 197 8.83 -0.77 20.52
CA PRO A 197 8.81 -0.81 20.53
C PRO A 197 9.90 -0.43 21.53
N ILE A 198 10.99 -1.20 21.52
CA ILE A 198 12.14 -0.96 22.37
CA ILE A 198 12.13 -0.93 22.37
C ILE A 198 13.32 -0.44 21.55
N ARG A 199 13.73 -1.20 20.55
N ARG A 199 13.70 -1.15 20.51
CA ARG A 199 14.98 -0.94 19.85
CA ARG A 199 14.85 -0.75 19.73
C ARG A 199 14.91 -1.57 18.46
C ARG A 199 14.81 -1.46 18.41
N VAL A 200 15.70 -1.03 17.53
CA VAL A 200 15.89 -1.65 16.22
C VAL A 200 16.98 -2.67 16.32
N HIS A 201 16.63 -3.92 15.99
CA HIS A 201 17.51 -5.06 16.04
C HIS A 201 18.33 -5.18 14.77
N THR A 202 17.69 -5.06 13.60
CA THR A 202 18.39 -5.26 12.30
C THR A 202 17.76 -4.33 11.29
N ILE A 203 18.61 -3.76 10.42
CA ILE A 203 18.14 -3.02 9.23
C ILE A 203 18.83 -3.61 8.00
N VAL A 204 18.03 -3.86 6.96
CA VAL A 204 18.53 -4.20 5.62
C VAL A 204 18.19 -3.04 4.69
N ILE A 205 19.15 -2.64 3.85
CA ILE A 205 18.88 -1.76 2.71
C ILE A 205 19.63 -2.31 1.51
N SER A 206 18.88 -2.49 0.40
CA SER A 206 19.46 -2.79 -0.91
C SER A 206 18.96 -1.78 -1.88
N VAL A 207 19.86 -1.19 -2.67
CA VAL A 207 19.41 -0.17 -3.63
C VAL A 207 20.28 -0.25 -4.88
N GLN A 208 19.61 -0.14 -6.02
CA GLN A 208 20.30 -0.14 -7.30
C GLN A 208 21.18 1.09 -7.40
N HIS A 209 22.34 0.91 -8.03
CA HIS A 209 23.37 1.96 -8.06
C HIS A 209 24.11 1.97 -9.36
N ASP A 210 24.81 3.08 -9.55
N ASP A 210 24.76 3.09 -9.65
CA ASP A 210 25.68 3.30 -10.69
CA ASP A 210 25.59 3.17 -10.83
C ASP A 210 26.88 2.34 -10.66
C ASP A 210 26.88 2.38 -10.68
N GLU A 211 27.44 2.10 -11.85
CA GLU A 211 28.60 1.21 -11.96
CA GLU A 211 28.61 1.23 -11.98
C GLU A 211 29.79 1.74 -11.19
N GLU A 212 29.95 3.07 -11.09
CA GLU A 212 31.18 3.65 -10.60
C GLU A 212 31.34 3.72 -9.09
N VAL A 213 30.26 3.69 -8.31
CA VAL A 213 30.40 3.88 -6.88
C VAL A 213 30.79 2.57 -6.20
N CYS A 214 31.71 2.64 -5.23
CA CYS A 214 32.15 1.44 -4.57
C CYS A 214 31.29 1.11 -3.35
N LEU A 215 31.38 -0.16 -2.94
CA LEU A 215 30.61 -0.65 -1.83
C LEU A 215 30.82 0.15 -0.56
N ASP A 216 32.06 0.47 -0.23
CA ASP A 216 32.29 1.19 1.01
C ASP A 216 31.64 2.58 1.00
N GLU A 217 31.73 3.28 -0.12
CA GLU A 217 31.06 4.57 -0.22
C GLU A 217 29.56 4.41 -0.03
N MET A 218 28.98 3.39 -0.63
CA MET A 218 27.54 3.18 -0.47
C MET A 218 27.19 2.84 0.97
N ARG A 219 27.91 1.91 1.59
CA ARG A 219 27.54 1.51 2.92
CA ARG A 219 27.56 1.50 2.94
C ARG A 219 27.66 2.66 3.92
N ASP A 220 28.70 3.47 3.78
CA ASP A 220 28.84 4.65 4.64
C ASP A 220 27.67 5.60 4.43
N ALA A 221 27.31 5.89 3.19
CA ALA A 221 26.21 6.79 2.94
C ALA A 221 24.88 6.24 3.47
N LEU A 222 24.65 4.94 3.26
CA LEU A 222 23.41 4.36 3.73
C LEU A 222 23.28 4.45 5.24
N LYS A 223 24.37 4.28 5.98
N LYS A 223 24.37 4.28 5.97
CA LYS A 223 24.27 4.42 7.41
CA LYS A 223 24.33 4.41 7.41
C LYS A 223 24.07 5.89 7.79
C LYS A 223 24.13 5.86 7.84
N GLU A 224 24.97 6.75 7.31
CA GLU A 224 25.01 8.10 7.80
C GLU A 224 23.93 9.01 7.28
N LYS A 225 23.62 8.90 6.01
CA LYS A 225 22.71 9.80 5.35
C LYS A 225 21.29 9.28 5.22
N VAL A 226 21.12 7.97 5.37
CA VAL A 226 19.80 7.37 5.23
C VAL A 226 19.32 6.90 6.58
N ILE A 227 19.97 5.89 7.16
CA ILE A 227 19.50 5.38 8.45
C ILE A 227 19.49 6.44 9.53
N LYS A 228 20.61 7.13 9.74
CA LYS A 228 20.62 8.10 10.82
C LYS A 228 19.66 9.24 10.61
N ALA A 229 19.37 9.58 9.35
CA ALA A 229 18.42 10.63 9.06
C ALA A 229 16.98 10.25 9.37
N VAL A 230 16.67 8.95 9.35
CA VAL A 230 15.32 8.46 9.48
C VAL A 230 15.02 7.86 10.87
N VAL A 231 15.93 7.04 11.38
CA VAL A 231 15.65 6.26 12.56
C VAL A 231 16.17 7.00 13.80
N PRO A 232 15.31 7.25 14.78
CA PRO A 232 15.79 7.90 16.02
C PRO A 232 16.96 7.16 16.64
N ALA A 233 17.96 7.95 17.08
CA ALA A 233 19.16 7.35 17.66
C ALA A 233 18.84 6.49 18.85
N LYS A 234 17.79 6.82 19.58
CA LYS A 234 17.42 6.05 20.78
C LYS A 234 17.10 4.59 20.46
N TYR A 235 16.79 4.28 19.20
CA TYR A 235 16.51 2.93 18.79
C TYR A 235 17.72 2.14 18.29
N LEU A 236 18.84 2.83 18.06
CA LEU A 236 20.03 2.21 17.49
C LEU A 236 21.10 2.13 18.54
N ASP A 237 21.71 0.97 18.68
CA ASP A 237 22.76 0.79 19.68
C ASP A 237 23.86 -0.09 19.18
N GLU A 238 24.79 -0.45 20.06
CA GLU A 238 25.93 -1.24 19.68
C GLU A 238 25.57 -2.61 19.16
N ASP A 239 24.38 -3.11 19.52
CA ASP A 239 23.98 -4.42 19.12
C ASP A 239 23.22 -4.41 17.77
N THR A 240 22.78 -3.26 17.27
CA THR A 240 21.98 -3.23 16.04
C THR A 240 22.83 -3.81 14.91
N ILE A 241 22.22 -4.66 14.11
CA ILE A 241 22.86 -5.28 12.96
C ILE A 241 22.46 -4.54 11.69
N TYR A 242 23.46 -4.25 10.86
CA TYR A 242 23.23 -3.53 9.60
C TYR A 242 23.63 -4.41 8.46
N HIS A 243 22.70 -4.63 7.52
CA HIS A 243 22.96 -5.33 6.28
C HIS A 243 22.73 -4.34 5.14
N LEU A 244 23.81 -3.67 4.75
CA LEU A 244 23.74 -2.54 3.79
C LEU A 244 24.38 -2.99 2.50
N GLN A 245 23.62 -2.96 1.42
N GLN A 245 23.61 -2.98 1.44
CA GLN A 245 23.99 -3.61 0.16
CA GLN A 245 24.04 -3.57 0.19
C GLN A 245 24.57 -5.00 0.37
C GLN A 245 24.58 -4.98 0.41
N PRO A 246 23.82 -5.85 1.08
CA PRO A 246 24.33 -7.18 1.42
C PRO A 246 24.64 -8.08 0.25
N SER A 247 24.07 -7.82 -0.93
CA SER A 247 24.45 -8.62 -2.09
C SER A 247 25.83 -8.24 -2.64
N GLY A 248 26.33 -7.06 -2.26
CA GLY A 248 27.59 -6.59 -2.74
C GLY A 248 27.60 -5.82 -4.02
N ARG A 249 26.62 -6.01 -4.89
CA ARG A 249 26.59 -5.36 -6.22
C ARG A 249 25.14 -5.42 -6.71
N PHE A 250 24.62 -4.29 -7.12
CA PHE A 250 23.23 -4.13 -7.56
C PHE A 250 23.19 -3.04 -8.63
N VAL A 251 23.86 -3.31 -9.75
CA VAL A 251 23.86 -2.38 -10.90
C VAL A 251 22.67 -2.62 -11.78
N ILE A 252 22.47 -3.89 -12.14
CA ILE A 252 21.24 -4.30 -12.88
C ILE A 252 20.08 -4.20 -11.91
N GLY A 253 19.01 -3.50 -12.29
CA GLY A 253 17.85 -3.39 -11.45
C GLY A 253 16.65 -2.97 -12.20
N GLY A 254 15.59 -2.60 -11.49
CA GLY A 254 14.31 -2.37 -12.09
C GLY A 254 13.82 -3.64 -12.80
N PRO A 255 12.91 -3.47 -13.77
CA PRO A 255 12.38 -4.66 -14.49
C PRO A 255 13.41 -5.52 -15.17
N GLN A 256 14.56 -4.94 -15.55
CA GLN A 256 15.62 -5.74 -16.12
C GLN A 256 16.16 -6.77 -15.15
N GLY A 257 16.23 -6.43 -13.87
CA GLY A 257 16.70 -7.39 -12.88
C GLY A 257 15.68 -8.37 -12.37
N ASP A 258 14.39 -8.05 -12.48
CA ASP A 258 13.34 -8.83 -11.83
C ASP A 258 12.01 -8.38 -12.44
N ALA A 259 11.22 -9.33 -12.93
CA ALA A 259 9.90 -9.00 -13.43
C ALA A 259 9.02 -8.46 -12.35
N GLY A 260 8.19 -7.49 -12.71
CA GLY A 260 7.19 -6.93 -11.82
C GLY A 260 5.78 -7.23 -12.27
N LEU A 261 4.89 -7.28 -11.30
CA LEU A 261 3.46 -7.44 -11.55
C LEU A 261 2.69 -6.60 -10.57
N THR A 262 1.49 -6.14 -10.98
CA THR A 262 0.59 -5.49 -10.02
C THR A 262 0.16 -6.48 -8.95
N GLY A 263 0.05 -5.97 -7.73
CA GLY A 263 -0.54 -6.75 -6.65
C GLY A 263 0.35 -7.81 -6.06
N ARG A 264 1.67 -7.61 -6.15
CA ARG A 264 2.68 -8.49 -5.60
C ARG A 264 3.39 -7.88 -4.41
N LYS A 265 2.86 -6.77 -3.88
CA LYS A 265 3.41 -6.12 -2.69
C LYS A 265 2.28 -5.83 -1.69
N ILE A 266 1.38 -6.81 -1.50
N ILE A 266 1.43 -6.83 -1.51
CA ILE A 266 0.17 -6.48 -0.76
CA ILE A 266 0.16 -6.72 -0.78
C ILE A 266 0.39 -6.32 0.74
C ILE A 266 0.36 -6.42 0.71
N ILE A 267 1.49 -6.88 1.24
CA ILE A 267 1.84 -6.74 2.66
C ILE A 267 2.58 -5.42 2.88
N VAL A 268 3.48 -5.05 1.95
CA VAL A 268 4.05 -3.70 1.93
C VAL A 268 2.98 -2.62 1.86
N ASP A 269 1.89 -2.90 1.12
CA ASP A 269 0.82 -1.95 0.95
C ASP A 269 -0.01 -1.75 2.20
N THR A 270 0.06 -2.68 3.14
CA THR A 270 -0.83 -2.74 4.27
C THR A 270 -0.02 -2.68 5.58
N TYR A 271 0.13 -3.77 6.29
CA TYR A 271 0.59 -3.73 7.67
C TYR A 271 1.90 -4.45 7.95
N GLY A 272 2.63 -4.85 6.91
CA GLY A 272 3.99 -5.34 7.17
C GLY A 272 4.09 -6.66 7.93
N GLY A 273 3.05 -7.48 7.83
CA GLY A 273 3.00 -8.76 8.52
C GLY A 273 2.16 -8.73 9.76
N TRP A 274 1.93 -7.53 10.30
CA TRP A 274 1.04 -7.39 11.42
C TRP A 274 -0.41 -7.54 10.99
N GLY A 275 -1.33 -7.74 11.92
N GLY A 275 -1.27 -7.85 11.94
CA GLY A 275 -2.74 -7.80 11.51
CA GLY A 275 -2.68 -8.07 11.59
C GLY A 275 -3.03 -9.11 10.79
C GLY A 275 -2.75 -9.20 10.58
N ALA A 276 -3.56 -9.03 9.55
CA ALA A 276 -3.84 -10.15 8.64
C ALA A 276 -4.12 -9.56 7.27
N HIS A 277 -4.21 -10.41 6.26
CA HIS A 277 -4.54 -9.99 4.91
C HIS A 277 -5.46 -11.02 4.30
N GLY A 278 -6.43 -10.52 3.54
CA GLY A 278 -7.36 -11.42 2.82
C GLY A 278 -6.97 -11.81 1.44
N GLY A 279 -5.86 -11.27 0.93
CA GLY A 279 -5.27 -11.67 -0.32
C GLY A 279 -5.47 -10.76 -1.49
N GLY A 280 -6.35 -9.77 -1.34
N GLY A 280 -6.41 -9.83 -1.45
CA GLY A 280 -6.69 -8.86 -2.42
CA GLY A 280 -6.70 -9.01 -2.62
C GLY A 280 -5.55 -7.91 -2.72
C GLY A 280 -5.78 -7.80 -2.75
N ALA A 281 -5.39 -7.56 -3.98
CA ALA A 281 -4.58 -6.42 -4.33
C ALA A 281 -5.42 -5.16 -4.44
N PHE A 282 -4.78 -4.01 -4.27
CA PHE A 282 -5.46 -2.74 -4.36
C PHE A 282 -5.38 -2.07 -5.75
N SER A 283 -4.17 -2.02 -6.32
CA SER A 283 -3.98 -1.12 -7.43
C SER A 283 -4.67 -1.58 -8.71
N GLY A 284 -5.11 -0.57 -9.47
CA GLY A 284 -5.76 -0.84 -10.75
C GLY A 284 -7.23 -1.12 -10.67
N LYS A 285 -7.86 -0.94 -9.50
CA LYS A 285 -9.24 -1.33 -9.26
C LYS A 285 -10.07 -0.15 -8.80
N ASP A 286 -11.26 0.01 -9.41
CA ASP A 286 -12.25 1.00 -8.96
C ASP A 286 -12.97 0.53 -7.69
N TYR A 287 -13.82 1.42 -7.16
CA TYR A 287 -14.40 1.20 -5.83
C TYR A 287 -15.30 -0.01 -5.75
N THR A 288 -15.86 -0.46 -6.87
CA THR A 288 -16.73 -1.63 -6.80
C THR A 288 -15.97 -2.91 -6.47
N LYS A 289 -14.65 -2.89 -6.63
CA LYS A 289 -13.80 -4.00 -6.23
C LYS A 289 -13.54 -3.82 -4.72
N VAL A 290 -14.27 -4.56 -3.92
CA VAL A 290 -14.18 -4.52 -2.48
C VAL A 290 -12.81 -4.87 -1.93
N ASP A 291 -11.97 -5.57 -2.70
CA ASP A 291 -10.60 -5.75 -2.27
C ASP A 291 -9.97 -4.46 -1.82
N ARG A 292 -10.24 -3.39 -2.53
CA ARG A 292 -9.72 -2.06 -2.18
C ARG A 292 -10.67 -1.31 -1.27
N SER A 293 -11.90 -1.05 -1.71
CA SER A 293 -12.78 -0.22 -0.92
C SER A 293 -13.08 -0.78 0.46
N ALA A 294 -13.28 -2.08 0.58
CA ALA A 294 -13.61 -2.63 1.90
C ALA A 294 -12.37 -2.74 2.78
N ALA A 295 -11.19 -2.95 2.21
CA ALA A 295 -9.97 -2.89 3.02
C ALA A 295 -9.73 -1.47 3.52
N TYR A 296 -9.99 -0.48 2.69
CA TYR A 296 -9.86 0.91 3.14
C TYR A 296 -10.88 1.17 4.23
N ALA A 297 -12.11 0.73 4.04
CA ALA A 297 -13.12 0.92 5.08
C ALA A 297 -12.76 0.18 6.35
N ALA A 298 -12.18 -1.03 6.25
CA ALA A 298 -11.81 -1.74 7.45
C ALA A 298 -10.68 -1.05 8.22
N ARG A 299 -9.73 -0.47 7.48
CA ARG A 299 -8.71 0.38 8.10
C ARG A 299 -9.37 1.53 8.85
N TRP A 300 -10.35 2.18 8.19
CA TRP A 300 -11.06 3.31 8.77
C TRP A 300 -11.77 2.89 10.06
N VAL A 301 -12.41 1.72 10.06
CA VAL A 301 -13.03 1.23 11.27
C VAL A 301 -11.99 1.00 12.37
N ALA A 302 -10.91 0.31 12.04
CA ALA A 302 -9.87 0.00 13.02
C ALA A 302 -9.30 1.29 13.63
N LYS A 303 -8.95 2.21 12.77
CA LYS A 303 -8.35 3.43 13.27
CA LYS A 303 -8.39 3.55 13.14
C LYS A 303 -9.37 4.26 14.06
N SER A 304 -10.64 4.20 13.70
CA SER A 304 -11.68 4.86 14.48
C SER A 304 -11.81 4.27 15.86
N LEU A 305 -11.69 2.95 15.97
CA LEU A 305 -11.78 2.31 17.30
C LEU A 305 -10.59 2.71 18.17
N VAL A 306 -9.38 2.77 17.60
CA VAL A 306 -8.20 3.11 18.39
C VAL A 306 -8.22 4.60 18.74
N LYS A 307 -8.43 5.50 17.76
CA LYS A 307 -8.46 6.93 18.06
C LYS A 307 -9.64 7.31 18.94
N GLY A 308 -10.71 6.53 18.89
CA GLY A 308 -11.85 6.74 19.77
C GLY A 308 -11.64 6.28 21.18
N GLY A 309 -10.50 5.64 21.47
CA GLY A 309 -10.21 5.22 22.82
C GLY A 309 -10.84 3.92 23.24
N LEU A 310 -11.39 3.17 22.30
CA LEU A 310 -12.04 1.90 22.63
C LEU A 310 -11.06 0.75 22.72
N CYS A 311 -9.91 0.87 22.08
N CYS A 311 -10.01 0.79 21.89
CA CYS A 311 -8.93 -0.17 22.18
CA CYS A 311 -8.96 -0.23 21.79
C CYS A 311 -7.60 0.40 21.72
C CYS A 311 -7.60 0.45 21.77
N ARG A 312 -6.55 -0.30 22.09
CA ARG A 312 -5.20 0.08 21.75
C ARG A 312 -4.71 -0.54 20.46
N ARG A 313 -5.27 -1.70 20.12
CA ARG A 313 -4.86 -2.46 18.94
CA ARG A 313 -4.85 -2.46 18.97
C ARG A 313 -6.08 -3.27 18.52
N VAL A 314 -6.31 -3.37 17.22
CA VAL A 314 -7.52 -4.07 16.77
C VAL A 314 -7.34 -4.54 15.35
N LEU A 315 -7.95 -5.70 15.09
CA LEU A 315 -8.02 -6.33 13.77
C LEU A 315 -9.52 -6.44 13.43
N VAL A 316 -9.88 -6.05 12.21
CA VAL A 316 -11.25 -6.14 11.71
C VAL A 316 -11.26 -7.01 10.48
N GLN A 317 -12.13 -8.03 10.42
CA GLN A 317 -12.35 -8.78 9.19
C GLN A 317 -13.72 -8.42 8.65
N VAL A 318 -13.81 -8.35 7.33
CA VAL A 318 -15.08 -8.29 6.61
CA VAL A 318 -15.08 -8.26 6.62
C VAL A 318 -14.99 -9.24 5.42
N SER A 319 -16.15 -9.66 4.91
CA SER A 319 -16.15 -10.47 3.70
C SER A 319 -17.41 -10.20 2.89
N TYR A 320 -17.36 -10.59 1.61
CA TYR A 320 -18.41 -10.28 0.65
C TYR A 320 -18.64 -11.46 -0.29
N ALA A 321 -19.82 -11.44 -0.93
CA ALA A 321 -20.11 -12.30 -2.09
C ALA A 321 -20.33 -11.42 -3.30
N ILE A 322 -19.86 -11.83 -4.48
CA ILE A 322 -20.14 -11.09 -5.69
C ILE A 322 -21.65 -10.86 -5.84
N GLY A 323 -22.02 -9.63 -6.16
CA GLY A 323 -23.41 -9.32 -6.38
C GLY A 323 -24.23 -8.97 -5.18
N VAL A 324 -23.67 -9.12 -3.99
CA VAL A 324 -24.37 -8.90 -2.74
C VAL A 324 -23.79 -7.63 -2.11
N SER A 325 -24.62 -6.71 -1.68
CA SER A 325 -24.17 -5.42 -1.13
CA SER A 325 -24.11 -5.43 -1.18
C SER A 325 -23.58 -5.49 0.27
N HIS A 326 -24.35 -6.05 1.20
CA HIS A 326 -23.90 -6.08 2.58
C HIS A 326 -22.84 -7.13 2.78
N PRO A 327 -21.88 -6.88 3.67
CA PRO A 327 -20.90 -7.90 3.98
C PRO A 327 -21.55 -9.16 4.52
N LEU A 328 -20.95 -10.28 4.23
CA LEU A 328 -21.39 -11.57 4.73
CA LEU A 328 -21.38 -11.58 4.70
C LEU A 328 -21.03 -11.78 6.18
N SER A 329 -19.92 -11.21 6.62
CA SER A 329 -19.43 -11.37 7.96
C SER A 329 -18.63 -10.13 8.31
N ILE A 330 -18.62 -9.85 9.61
CA ILE A 330 -17.78 -8.80 10.23
C ILE A 330 -17.27 -9.37 11.53
N SER A 331 -15.98 -9.20 11.80
CA SER A 331 -15.38 -9.70 13.03
C SER A 331 -14.40 -8.69 13.59
N ILE A 332 -14.36 -8.61 14.91
CA ILE A 332 -13.47 -7.67 15.62
C ILE A 332 -12.64 -8.43 16.61
N PHE A 333 -11.32 -8.21 16.57
CA PHE A 333 -10.37 -8.83 17.49
C PHE A 333 -9.55 -7.74 18.15
N HIS A 334 -9.66 -7.58 19.47
CA HIS A 334 -9.04 -6.43 20.13
C HIS A 334 -7.80 -6.78 20.93
N TYR A 335 -7.33 -8.02 20.84
CA TYR A 335 -6.05 -8.40 21.45
C TYR A 335 -6.06 -8.27 22.97
N GLY A 336 -7.23 -8.14 23.59
CA GLY A 336 -7.34 -7.87 25.02
C GLY A 336 -7.13 -6.42 25.41
N THR A 337 -7.15 -5.52 24.44
CA THR A 337 -6.81 -4.12 24.68
C THR A 337 -8.00 -3.20 24.88
N SER A 338 -9.20 -3.74 25.08
CA SER A 338 -10.39 -2.98 25.38
C SER A 338 -11.02 -3.51 26.65
N GLN A 339 -11.74 -2.64 27.36
CA GLN A 339 -12.60 -3.09 28.46
CA GLN A 339 -12.63 -3.05 28.45
C GLN A 339 -13.90 -3.66 27.91
N LYS A 340 -14.26 -3.30 26.68
CA LYS A 340 -15.46 -3.83 26.06
C LYS A 340 -15.16 -5.18 25.46
N SER A 341 -16.16 -6.05 25.44
CA SER A 341 -15.99 -7.32 24.76
C SER A 341 -15.94 -7.10 23.25
N GLU A 342 -15.40 -8.09 22.55
CA GLU A 342 -15.42 -8.05 21.10
C GLU A 342 -16.84 -8.01 20.55
N ARG A 343 -17.77 -8.71 21.22
CA ARG A 343 -19.17 -8.61 20.83
C ARG A 343 -19.70 -7.19 20.94
N GLU A 344 -19.39 -6.49 22.03
CA GLU A 344 -19.79 -5.10 22.18
C GLU A 344 -19.16 -4.21 21.10
N LEU A 345 -17.89 -4.41 20.81
CA LEU A 345 -17.27 -3.62 19.75
C LEU A 345 -17.90 -3.86 18.40
N LEU A 346 -18.25 -5.12 18.13
CA LEU A 346 -18.91 -5.44 16.87
C LEU A 346 -20.25 -4.69 16.76
N GLU A 347 -21.01 -4.62 17.85
N GLU A 347 -21.01 -4.64 17.84
CA GLU A 347 -22.24 -3.91 17.86
CA GLU A 347 -22.24 -3.88 17.87
C GLU A 347 -22.06 -2.41 17.64
C GLU A 347 -22.01 -2.42 17.56
N ILE A 348 -20.99 -1.84 18.19
CA ILE A 348 -20.67 -0.44 17.93
C ILE A 348 -20.33 -0.22 16.46
N VAL A 349 -19.53 -1.13 15.90
CA VAL A 349 -19.20 -1.03 14.50
C VAL A 349 -20.45 -1.08 13.63
N LYS A 350 -21.33 -2.03 13.90
CA LYS A 350 -22.53 -2.16 13.09
C LYS A 350 -23.44 -0.97 13.18
N LYS A 351 -23.47 -0.31 14.34
CA LYS A 351 -24.30 0.88 14.50
C LYS A 351 -23.71 2.12 13.83
N ASN A 352 -22.41 2.13 13.59
CA ASN A 352 -21.72 3.36 13.14
C ASN A 352 -21.22 3.30 11.70
N PHE A 353 -21.12 2.10 11.10
CA PHE A 353 -20.58 1.96 9.77
C PHE A 353 -21.54 1.17 8.90
N ASP A 354 -21.63 1.60 7.66
CA ASP A 354 -22.35 0.89 6.61
C ASP A 354 -21.31 0.49 5.58
N LEU A 355 -21.02 -0.81 5.53
CA LEU A 355 -19.91 -1.34 4.73
C LEU A 355 -20.36 -1.87 3.37
N ARG A 356 -21.54 -1.44 2.91
CA ARG A 356 -21.87 -1.66 1.51
C ARG A 356 -20.92 -0.87 0.61
N PRO A 357 -20.46 -1.41 -0.52
CA PRO A 357 -19.54 -0.63 -1.35
C PRO A 357 -20.11 0.65 -1.89
N GLY A 358 -21.43 0.66 -2.16
CA GLY A 358 -22.05 1.86 -2.63
C GLY A 358 -22.31 2.91 -1.59
N VAL A 359 -22.00 2.64 -0.33
CA VAL A 359 -21.98 3.65 0.74
C VAL A 359 -20.51 3.99 1.06
N ILE A 360 -19.63 3.02 1.14
CA ILE A 360 -18.21 3.33 1.32
C ILE A 360 -17.73 4.32 0.29
N VAL A 361 -18.15 4.19 -0.95
CA VAL A 361 -17.69 5.10 -2.00
C VAL A 361 -17.98 6.55 -1.66
N ARG A 362 -19.15 6.81 -1.06
CA ARG A 362 -19.52 8.16 -0.66
CA ARG A 362 -19.52 8.17 -0.64
C ARG A 362 -18.70 8.62 0.55
N ASP A 363 -18.62 7.76 1.55
CA ASP A 363 -17.92 8.14 2.78
C ASP A 363 -16.44 8.41 2.56
N LEU A 364 -15.82 7.63 1.69
CA LEU A 364 -14.38 7.69 1.49
C LEU A 364 -13.98 8.37 0.17
N ASP A 365 -14.98 8.91 -0.55
CA ASP A 365 -14.73 9.71 -1.78
C ASP A 365 -13.97 8.92 -2.83
N LEU A 366 -14.40 7.68 -3.06
CA LEU A 366 -13.58 6.72 -3.83
C LEU A 366 -13.67 6.83 -5.34
N LYS A 367 -14.45 7.80 -5.85
CA LYS A 367 -14.36 8.12 -7.27
C LYS A 367 -13.31 9.17 -7.57
N LYS A 368 -12.67 9.72 -6.54
CA LYS A 368 -11.67 10.77 -6.78
C LYS A 368 -10.37 10.16 -7.28
N PRO A 369 -9.75 10.76 -8.30
CA PRO A 369 -8.52 10.20 -8.91
C PRO A 369 -7.28 10.49 -8.07
N ILE A 370 -7.20 9.89 -6.88
CA ILE A 370 -6.03 10.05 -5.99
C ILE A 370 -5.29 8.76 -5.80
N TYR A 371 -5.56 7.76 -6.63
CA TYR A 371 -5.02 6.45 -6.39
C TYR A 371 -3.53 6.29 -6.64
N GLN A 372 -2.98 6.97 -7.65
CA GLN A 372 -1.56 6.80 -7.87
C GLN A 372 -0.79 7.18 -6.61
N ARG A 373 -1.26 8.19 -5.87
CA ARG A 373 -0.59 8.60 -4.62
C ARG A 373 -0.56 7.54 -3.55
N THR A 374 -1.46 6.56 -3.62
CA THR A 374 -1.49 5.47 -2.65
C THR A 374 -0.52 4.34 -2.95
N ALA A 375 0.00 4.30 -4.19
CA ALA A 375 0.61 3.09 -4.74
C ALA A 375 2.10 2.91 -4.44
N ALA A 376 2.67 3.81 -3.63
CA ALA A 376 3.99 3.56 -3.03
C ALA A 376 3.94 4.07 -1.61
N TYR A 377 4.77 3.48 -0.76
CA TYR A 377 4.94 3.87 0.65
C TYR A 377 3.76 3.52 1.54
N GLY A 378 2.93 2.58 1.09
CA GLY A 378 1.82 2.09 1.86
C GLY A 378 0.55 2.89 1.62
N HIS A 379 -0.60 2.22 1.73
CA HIS A 379 -1.89 2.88 1.53
C HIS A 379 -2.40 3.54 2.80
N PHE A 380 -1.82 3.20 3.95
CA PHE A 380 -2.30 3.57 5.25
C PHE A 380 -1.25 4.34 6.03
N GLY A 381 -1.73 5.11 6.99
CA GLY A 381 -0.90 5.83 7.91
C GLY A 381 -0.31 7.10 7.39
N ARG A 382 -0.75 7.61 6.26
N ARG A 382 -0.76 7.54 6.20
CA ARG A 382 -0.21 8.85 5.81
CA ARG A 382 -0.22 8.69 5.43
C ARG A 382 -1.22 9.69 5.06
C ARG A 382 -1.28 9.71 4.95
N ASP A 383 -0.97 10.99 5.05
CA ASP A 383 -1.63 11.94 4.12
CA ASP A 383 -1.58 12.06 4.28
C ASP A 383 -3.05 12.33 4.50
N SER A 384 -3.57 11.82 5.57
CA SER A 384 -4.93 12.12 5.97
C SER A 384 -5.94 11.88 4.84
N PHE A 385 -5.74 10.76 4.10
CA PHE A 385 -6.79 10.25 3.19
C PHE A 385 -8.05 10.00 4.01
N PRO A 386 -9.21 9.87 3.36
CA PRO A 386 -10.44 9.76 4.14
C PRO A 386 -10.48 8.59 5.12
N TRP A 387 -9.86 7.45 4.74
CA TRP A 387 -9.84 6.28 5.59
C TRP A 387 -8.91 6.43 6.80
N GLU A 388 -8.13 7.52 6.82
CA GLU A 388 -7.23 7.83 7.94
C GLU A 388 -7.83 8.86 8.88
N VAL A 389 -8.99 9.40 8.57
CA VAL A 389 -9.65 10.41 9.41
C VAL A 389 -10.69 9.66 10.24
N PRO A 390 -10.50 9.55 11.56
N PRO A 390 -10.50 9.51 11.54
CA PRO A 390 -11.43 8.68 12.28
CA PRO A 390 -11.42 8.68 12.36
C PRO A 390 -12.86 9.16 12.17
C PRO A 390 -12.84 9.23 12.45
N LYS A 391 -13.76 8.20 12.21
N LYS A 391 -13.80 8.32 12.41
CA LYS A 391 -15.14 8.50 12.40
CA LYS A 391 -15.20 8.66 12.61
C LYS A 391 -15.40 8.57 13.89
C LYS A 391 -15.51 8.85 14.07
N LYS A 392 -16.10 9.64 14.30
N LYS A 392 -16.24 9.93 14.47
CA LYS A 392 -16.61 9.83 15.67
CA LYS A 392 -16.68 9.99 15.86
C LYS A 392 -17.73 8.86 15.95
C LYS A 392 -17.77 8.94 16.03
N LEU A 393 -17.58 8.03 16.97
CA LEU A 393 -18.49 6.91 17.20
C LEU A 393 -19.54 7.26 18.24
N LYS A 394 -20.74 6.80 17.98
CA LYS A 394 -21.87 6.95 18.88
C LYS A 394 -22.20 5.57 19.51
N TYR A 395 -22.26 5.58 20.86
CA TYR A 395 -22.52 4.35 21.62
C TYR A 395 -22.80 4.72 23.07
#